data_5AIA
#
_entry.id   5AIA
#
_cell.length_a   92.380
_cell.length_b   92.380
_cell.length_c   245.643
_cell.angle_alpha   90.00
_cell.angle_beta   90.00
_cell.angle_gamma   120.00
#
_symmetry.space_group_name_H-M   'P 65 2 2'
#
loop_
_entity.id
_entity.type
_entity.pdbx_description
1 polymer 'BIFUNCTIONAL EPOXIDE HYDROLASE 2'
2 non-polymer 'SULFATE ION'
3 non-polymer 'DIMETHYL SULFOXIDE'
4 non-polymer 5-cyclohexyl-2-hydroxybenzoate
5 water water
#
_entity_poly.entity_id   1
_entity_poly.type   'polypeptide(L)'
_entity_poly.pdbx_seq_one_letter_code
;GMTLRAAVFDLDGVLALPAVFGVLGRTEEALALPRGLLNDAFQKGGPEGATTRLMKGEITLSQWIPLMEENCRKCSETAK
VCLPKNFSIKEIFDKAISARKINRPMLQAALMLRKKGFTTAILTNTWLDDRAERDGLAQLMCELKMHFDFLIESCQVGMV
KPEPQIYKFLLDTLKASPSEVVFLDDIGANLKPARDLGMVTILVQDTDTALKELEKVTGIQLLNTPAPLPTSCNPSDMSH
GYVTVKPRVRLHFVELGSGPAVCLCHGFPESWYSWRYQIPALAQAGYRVLAMDMKGYGESSAPPEIEEYCMEVLCKEMVT
FLDKLGLSQAVFIGHDWGGMLVWYMALFYPERVRAVASLNTPFIPANPNMSPLESIKANPVFDYQLYFQEPGVAEAELEQ
NLSRTFKSLFRASDESVLSMHKVCEAGGLFVNSPEEPSLSRMVTEEEIQFYVQQFKKSGFRGPLNWYRNMERNWKWACKS
LGRKILIPALMVTAEKDFVLVPQMSQHMEDWIPHLKRGHIEDCGHWTQMDKPTEVNQILIKWLDSDARN
;
_entity_poly.pdbx_strand_id   A
#
loop_
_chem_comp.id
_chem_comp.type
_chem_comp.name
_chem_comp.formula
DMS non-polymer 'DIMETHYL SULFOXIDE' 'C2 H6 O S'
KWB non-polymer 5-cyclohexyl-2-hydroxybenzoate 'C13 H15 O3 -1'
SO4 non-polymer 'SULFATE ION' 'O4 S -2'
#
# COMPACT_ATOMS: atom_id res chain seq x y z
N THR A 3 2.76 21.74 26.57
CA THR A 3 3.03 21.24 25.22
C THR A 3 1.85 20.55 24.55
N LEU A 4 1.83 20.61 23.20
CA LEU A 4 0.78 20.01 22.39
C LEU A 4 1.13 18.55 22.09
N ARG A 5 0.14 17.65 22.17
CA ARG A 5 0.38 16.23 21.90
C ARG A 5 -0.78 15.56 21.18
N ALA A 6 -1.80 16.35 20.79
CA ALA A 6 -2.96 15.85 20.04
C ALA A 6 -3.43 16.80 18.99
N ALA A 7 -3.75 16.25 17.80
CA ALA A 7 -4.34 17.01 16.71
C ALA A 7 -5.67 16.37 16.29
N VAL A 8 -6.69 17.21 16.14
CA VAL A 8 -8.04 16.79 15.78
C VAL A 8 -8.44 17.36 14.42
N PHE A 9 -8.88 16.47 13.53
CA PHE A 9 -9.29 16.88 12.19
C PHE A 9 -10.76 16.65 11.94
N ASP A 10 -11.41 17.66 11.36
CA ASP A 10 -12.80 17.53 10.92
C ASP A 10 -12.68 16.91 9.55
N LEU A 11 -13.69 16.17 9.12
CA LEU A 11 -13.64 15.53 7.83
C LEU A 11 -13.97 16.50 6.68
N ASP A 12 -15.23 16.88 6.58
CA ASP A 12 -15.75 17.77 5.54
C ASP A 12 -15.13 19.17 5.63
N GLY A 13 -14.39 19.54 4.59
CA GLY A 13 -13.73 20.84 4.51
C GLY A 13 -12.29 20.85 5.00
N VAL A 14 -11.93 19.85 5.80
CA VAL A 14 -10.58 19.78 6.36
C VAL A 14 -9.85 18.58 5.75
N LEU A 15 -10.28 17.35 6.05
CA LEU A 15 -9.64 16.16 5.50
C LEU A 15 -10.16 15.80 4.10
N ALA A 16 -11.40 16.19 3.76
CA ALA A 16 -11.94 15.89 2.43
C ALA A 16 -12.49 17.13 1.75
N LEU A 17 -12.18 17.25 0.45
CA LEU A 17 -12.57 18.40 -0.36
C LEU A 17 -13.20 17.97 -1.71
N PRO A 18 -14.24 18.72 -2.19
CA PRO A 18 -14.85 19.91 -1.57
C PRO A 18 -15.85 19.61 -0.45
N ALA A 19 -16.11 20.61 0.41
CA ALA A 19 -17.06 20.49 1.53
C ALA A 19 -18.50 20.40 1.05
N VAL A 20 -19.25 19.43 1.61
CA VAL A 20 -20.67 19.19 1.29
C VAL A 20 -21.58 20.39 1.59
N PHE A 21 -21.14 21.29 2.49
CA PHE A 21 -21.86 22.53 2.82
C PHE A 21 -21.88 23.42 1.57
N GLY A 22 -20.74 23.46 0.87
CA GLY A 22 -20.54 24.23 -0.35
C GLY A 22 -21.39 23.78 -1.54
N VAL A 23 -21.77 22.49 -1.58
CA VAL A 23 -22.59 21.92 -2.66
C VAL A 23 -24.04 22.39 -2.61
N LEU A 24 -24.49 22.83 -1.42
CA LEU A 24 -25.81 23.39 -1.20
C LEU A 24 -25.81 24.79 -1.83
N GLY A 25 -24.77 25.58 -1.50
CA GLY A 25 -24.54 26.93 -2.02
C GLY A 25 -24.28 26.96 -3.52
N ARG A 26 -23.75 25.85 -4.07
CA ARG A 26 -23.46 25.67 -5.49
C ARG A 26 -24.73 25.30 -6.24
N THR A 27 -25.62 24.50 -5.62
CA THR A 27 -26.89 24.07 -6.21
C THR A 27 -27.90 25.24 -6.27
N GLU A 28 -27.78 26.23 -5.35
CA GLU A 28 -28.65 27.39 -5.32
C GLU A 28 -28.30 28.34 -6.47
N GLU A 29 -27.02 28.34 -6.91
CA GLU A 29 -26.49 29.21 -7.97
C GLU A 29 -26.76 28.63 -9.34
N ALA A 30 -26.70 27.31 -9.47
CA ALA A 30 -26.93 26.55 -10.69
C ALA A 30 -28.40 26.59 -11.07
N LEU A 31 -29.30 26.37 -10.09
CA LEU A 31 -30.74 26.34 -10.31
C LEU A 31 -31.38 27.71 -10.13
N ALA A 32 -30.54 28.73 -9.82
CA ALA A 32 -30.91 30.12 -9.56
C ALA A 32 -32.04 30.25 -8.50
N LEU A 33 -31.95 29.41 -7.46
CA LEU A 33 -32.85 29.41 -6.29
C LEU A 33 -32.33 30.55 -5.37
N PRO A 34 -33.15 31.17 -4.48
CA PRO A 34 -32.62 32.29 -3.65
C PRO A 34 -31.41 31.91 -2.81
N ARG A 35 -30.58 32.88 -2.44
CA ARG A 35 -29.37 32.56 -1.70
C ARG A 35 -29.67 31.92 -0.35
N GLY A 36 -28.89 30.90 0.01
CA GLY A 36 -29.02 30.21 1.29
C GLY A 36 -30.28 29.41 1.51
N LEU A 37 -31.12 29.21 0.47
CA LEU A 37 -32.39 28.51 0.58
C LEU A 37 -32.19 27.03 0.98
N LEU A 38 -31.21 26.37 0.35
CA LEU A 38 -30.90 24.98 0.60
C LEU A 38 -30.15 24.76 1.91
N ASN A 39 -29.25 25.68 2.28
CA ASN A 39 -28.50 25.60 3.53
C ASN A 39 -29.39 25.86 4.76
N ASP A 40 -30.47 26.63 4.59
CA ASP A 40 -31.42 26.93 5.65
C ASP A 40 -32.42 25.77 5.82
N ALA A 41 -32.84 25.15 4.70
CA ALA A 41 -33.73 23.98 4.70
C ALA A 41 -33.00 22.75 5.27
N PHE A 42 -31.64 22.76 5.20
CA PHE A 42 -30.77 21.70 5.70
C PHE A 42 -30.66 21.78 7.21
N GLN A 43 -30.65 22.99 7.78
CA GLN A 43 -30.51 23.22 9.21
C GLN A 43 -31.83 23.56 9.92
N LYS A 44 -32.98 23.44 9.23
CA LYS A 44 -34.27 23.76 9.83
C LYS A 44 -34.55 22.88 11.05
N GLY A 45 -35.03 23.51 12.11
CA GLY A 45 -35.29 22.86 13.39
C GLY A 45 -34.17 23.07 14.39
N GLY A 46 -32.93 23.10 13.91
CA GLY A 46 -31.74 23.20 14.76
C GLY A 46 -31.50 21.85 15.40
N PRO A 47 -31.38 21.74 16.76
CA PRO A 47 -31.17 20.41 17.37
C PRO A 47 -32.43 19.51 17.35
N GLU A 48 -33.56 20.06 16.93
CA GLU A 48 -34.84 19.38 16.85
C GLU A 48 -35.14 18.86 15.41
N GLY A 49 -34.42 19.40 14.42
CA GLY A 49 -34.60 19.04 13.01
C GLY A 49 -34.17 17.66 12.54
N ALA A 50 -34.50 17.35 11.27
CA ALA A 50 -34.19 16.08 10.59
C ALA A 50 -32.68 15.88 10.43
N THR A 51 -31.92 16.98 10.22
CA THR A 51 -30.46 16.86 10.05
C THR A 51 -29.76 16.41 11.33
N THR A 52 -30.19 16.92 12.49
CA THR A 52 -29.61 16.56 13.80
C THR A 52 -29.89 15.10 14.13
N ARG A 53 -31.14 14.61 13.89
CA ARG A 53 -31.57 13.22 14.05
C ARG A 53 -30.69 12.30 13.17
N LEU A 54 -30.29 12.80 11.98
CA LEU A 54 -29.41 12.12 11.04
C LEU A 54 -27.98 12.10 11.60
N MET A 55 -27.41 13.28 12.02
CA MET A 55 -26.06 13.38 12.55
C MET A 55 -25.88 12.63 13.89
N LYS A 56 -26.92 12.63 14.75
CA LYS A 56 -27.00 11.87 16.01
C LYS A 56 -27.16 10.36 15.74
N GLY A 57 -27.67 10.01 14.56
CA GLY A 57 -27.85 8.63 14.10
C GLY A 57 -29.18 7.94 14.36
N GLU A 58 -30.27 8.70 14.56
CA GLU A 58 -31.60 8.16 14.85
C GLU A 58 -32.28 7.58 13.61
N ILE A 59 -31.97 8.17 12.46
CA ILE A 59 -32.48 7.74 11.16
C ILE A 59 -31.33 7.57 10.18
N THR A 60 -31.59 6.87 9.09
CA THR A 60 -30.61 6.69 8.04
C THR A 60 -30.69 7.89 7.07
N LEU A 61 -29.68 8.03 6.19
CA LEU A 61 -29.65 9.11 5.20
C LEU A 61 -30.77 8.89 4.15
N SER A 62 -31.12 7.61 3.83
CA SER A 62 -32.24 7.25 2.95
C SER A 62 -33.57 7.73 3.58
N GLN A 63 -33.68 7.62 4.92
CA GLN A 63 -34.85 8.07 5.68
C GLN A 63 -34.90 9.59 5.73
N TRP A 64 -33.71 10.22 5.81
CA TRP A 64 -33.55 11.66 5.87
C TRP A 64 -33.92 12.41 4.58
N ILE A 65 -33.56 11.84 3.41
CA ILE A 65 -33.78 12.41 2.07
C ILE A 65 -35.17 13.06 1.97
N PRO A 66 -36.30 12.34 2.19
CA PRO A 66 -37.62 12.96 2.03
C PRO A 66 -37.99 14.00 3.08
N LEU A 67 -37.30 14.03 4.21
CA LEU A 67 -37.54 15.05 5.25
C LEU A 67 -36.89 16.40 4.86
N MET A 68 -35.72 16.37 4.17
CA MET A 68 -35.00 17.55 3.67
C MET A 68 -35.82 18.14 2.53
N GLU A 69 -36.28 17.25 1.61
CA GLU A 69 -37.13 17.52 0.45
C GLU A 69 -38.36 18.32 0.88
N GLU A 70 -38.97 17.92 2.02
CA GLU A 70 -40.13 18.55 2.63
C GLU A 70 -39.74 19.93 3.10
N ASN A 71 -38.58 20.05 3.79
CA ASN A 71 -38.07 21.33 4.30
C ASN A 71 -37.60 22.26 3.20
N CYS A 72 -37.22 21.68 2.03
CA CYS A 72 -36.81 22.44 0.84
C CYS A 72 -38.07 23.07 0.21
N ARG A 73 -39.14 22.26 0.08
CA ARG A 73 -40.47 22.67 -0.40
C ARG A 73 -41.01 23.80 0.51
N LYS A 74 -40.94 23.59 1.85
CA LYS A 74 -41.34 24.56 2.88
C LYS A 74 -40.62 25.92 2.78
N CYS A 75 -39.26 25.93 2.63
CA CYS A 75 -38.47 27.17 2.55
C CYS A 75 -38.76 27.98 1.30
N SER A 76 -38.98 27.28 0.16
CA SER A 76 -39.26 27.85 -1.15
C SER A 76 -40.63 28.51 -1.18
N GLU A 77 -41.58 27.98 -0.38
CA GLU A 77 -42.95 28.48 -0.22
C GLU A 77 -42.91 29.80 0.55
N THR A 78 -42.12 29.86 1.63
CA THR A 78 -41.92 31.03 2.48
C THR A 78 -41.19 32.17 1.71
N ALA A 79 -40.14 31.81 0.93
CA ALA A 79 -39.36 32.76 0.14
C ALA A 79 -40.14 33.29 -1.07
N LYS A 80 -41.30 32.63 -1.38
CA LYS A 80 -42.22 32.92 -2.48
C LYS A 80 -41.52 32.66 -3.84
N VAL A 81 -40.98 31.44 -3.96
CA VAL A 81 -40.24 30.95 -5.14
C VAL A 81 -40.69 29.53 -5.49
N CYS A 82 -40.18 28.98 -6.61
CA CYS A 82 -40.55 27.65 -7.04
C CYS A 82 -39.36 26.75 -7.28
N LEU A 83 -39.49 25.51 -6.78
CA LEU A 83 -38.51 24.44 -6.93
C LEU A 83 -38.66 23.84 -8.36
N PRO A 84 -37.56 23.50 -9.06
CA PRO A 84 -37.68 22.97 -10.44
C PRO A 84 -38.39 21.60 -10.58
N LYS A 85 -38.58 21.16 -11.84
CA LYS A 85 -39.26 19.92 -12.22
C LYS A 85 -38.49 18.66 -11.79
N ASN A 86 -37.22 18.54 -12.23
CA ASN A 86 -36.34 17.39 -11.97
C ASN A 86 -35.49 17.49 -10.70
N PHE A 87 -36.03 18.13 -9.65
CA PHE A 87 -35.35 18.32 -8.38
C PHE A 87 -35.30 17.00 -7.60
N SER A 88 -34.07 16.53 -7.29
CA SER A 88 -33.81 15.31 -6.53
C SER A 88 -32.64 15.52 -5.57
N ILE A 89 -32.92 15.49 -4.25
CA ILE A 89 -31.94 15.65 -3.17
C ILE A 89 -30.89 14.53 -3.22
N LYS A 90 -31.34 13.30 -3.55
CA LYS A 90 -30.52 12.09 -3.71
C LYS A 90 -29.39 12.28 -4.72
N GLU A 91 -29.74 12.81 -5.93
CA GLU A 91 -28.82 13.07 -7.04
C GLU A 91 -27.81 14.15 -6.69
N ILE A 92 -28.23 15.15 -5.91
CA ILE A 92 -27.40 16.27 -5.45
C ILE A 92 -26.33 15.75 -4.48
N PHE A 93 -26.75 14.91 -3.51
CA PHE A 93 -25.86 14.33 -2.52
C PHE A 93 -24.98 13.23 -3.12
N ASP A 94 -25.55 12.34 -3.96
CA ASP A 94 -24.78 11.32 -4.69
C ASP A 94 -23.56 11.96 -5.39
N LYS A 95 -23.81 13.10 -6.10
CA LYS A 95 -22.80 13.86 -6.85
C LYS A 95 -21.75 14.44 -5.93
N ALA A 96 -22.20 15.13 -4.85
CA ALA A 96 -21.35 15.78 -3.86
C ALA A 96 -20.43 14.82 -3.13
N ILE A 97 -20.92 13.60 -2.80
CA ILE A 97 -20.14 12.58 -2.10
C ILE A 97 -19.08 12.03 -3.02
N SER A 98 -19.49 11.58 -4.22
CA SER A 98 -18.63 11.04 -5.27
C SER A 98 -17.60 12.07 -5.72
N ALA A 99 -17.97 13.37 -5.74
CA ALA A 99 -17.05 14.46 -6.14
C ALA A 99 -16.02 14.74 -5.06
N ARG A 100 -16.39 14.52 -3.78
CA ARG A 100 -15.51 14.74 -2.64
C ARG A 100 -14.37 13.71 -2.57
N LYS A 101 -13.12 14.23 -2.47
CA LYS A 101 -11.90 13.43 -2.39
C LYS A 101 -11.06 13.96 -1.24
N ILE A 102 -10.04 13.20 -0.84
CA ILE A 102 -9.12 13.55 0.24
C ILE A 102 -8.25 14.79 -0.08
N ASN A 103 -8.16 15.73 0.89
CA ASN A 103 -7.30 16.92 0.85
C ASN A 103 -5.96 16.31 1.25
N ARG A 104 -5.13 15.96 0.24
CA ARG A 104 -3.82 15.32 0.40
C ARG A 104 -2.85 16.12 1.28
N PRO A 105 -2.63 17.46 1.09
CA PRO A 105 -1.73 18.20 2.01
C PRO A 105 -2.16 18.16 3.50
N MET A 106 -3.47 18.05 3.76
CA MET A 106 -4.04 17.93 5.10
C MET A 106 -3.71 16.52 5.65
N LEU A 107 -4.00 15.46 4.88
CA LEU A 107 -3.64 14.09 5.28
C LEU A 107 -2.13 13.94 5.57
N GLN A 108 -1.27 14.61 4.78
CA GLN A 108 0.18 14.59 4.99
C GLN A 108 0.58 15.33 6.27
N ALA A 109 -0.17 16.36 6.64
CA ALA A 109 0.09 17.16 7.87
C ALA A 109 -0.22 16.32 9.09
N ALA A 110 -1.35 15.56 9.04
CA ALA A 110 -1.80 14.63 10.04
C ALA A 110 -0.71 13.58 10.23
N LEU A 111 -0.29 12.93 9.12
CA LEU A 111 0.74 11.90 9.11
C LEU A 111 2.07 12.42 9.65
N MET A 112 2.51 13.62 9.25
CA MET A 112 3.74 14.19 9.78
C MET A 112 3.63 14.44 11.33
N LEU A 113 2.48 14.94 11.81
CA LEU A 113 2.23 15.17 13.24
C LEU A 113 2.30 13.85 14.02
N ARG A 114 1.64 12.79 13.51
CA ARG A 114 1.58 11.46 14.13
C ARG A 114 2.94 10.75 14.12
N LYS A 115 3.80 11.12 13.15
CA LYS A 115 5.18 10.63 12.95
C LYS A 115 6.06 11.22 14.06
N LYS A 116 5.73 12.46 14.50
CA LYS A 116 6.44 13.15 15.59
C LYS A 116 5.81 12.83 16.97
N GLY A 117 5.11 11.69 17.04
CA GLY A 117 4.49 11.15 18.25
C GLY A 117 3.10 11.63 18.62
N PHE A 118 2.56 12.66 17.90
CA PHE A 118 1.22 13.22 18.17
C PHE A 118 0.13 12.18 18.06
N THR A 119 -0.92 12.38 18.86
CA THR A 119 -2.10 11.53 18.83
C THR A 119 -3.05 12.24 17.82
N THR A 120 -3.56 11.50 16.81
CA THR A 120 -4.43 12.10 15.79
C THR A 120 -5.82 11.45 15.80
N ALA A 121 -6.85 12.20 15.42
CA ALA A 121 -8.23 11.72 15.35
C ALA A 121 -9.09 12.56 14.43
N ILE A 122 -10.10 11.92 13.80
CA ILE A 122 -11.09 12.55 12.95
C ILE A 122 -12.35 12.73 13.82
N LEU A 123 -12.83 14.00 13.95
CA LEU A 123 -14.06 14.29 14.68
C LEU A 123 -15.03 14.86 13.67
N THR A 124 -16.03 14.04 13.28
CA THR A 124 -16.99 14.40 12.22
C THR A 124 -18.47 14.25 12.57
N ASN A 125 -19.30 15.19 12.08
CA ASN A 125 -20.75 15.13 12.20
C ASN A 125 -21.13 14.34 10.96
N THR A 126 -21.46 13.05 11.12
CA THR A 126 -21.75 12.22 9.95
C THR A 126 -23.06 11.48 10.05
N TRP A 127 -23.40 10.76 8.99
CA TRP A 127 -24.65 10.03 8.84
C TRP A 127 -24.38 8.55 8.62
N LEU A 128 -25.45 7.74 8.72
CA LEU A 128 -25.42 6.31 8.49
C LEU A 128 -25.92 6.07 7.08
N ASP A 129 -24.98 6.03 6.14
CA ASP A 129 -25.21 5.91 4.71
C ASP A 129 -25.64 4.54 4.23
N ASP A 130 -26.94 4.41 3.89
CA ASP A 130 -27.55 3.21 3.34
C ASP A 130 -27.96 3.38 1.88
N ARG A 131 -27.44 4.45 1.20
CA ARG A 131 -27.69 4.72 -0.24
C ARG A 131 -27.09 3.56 -1.02
N ALA A 132 -27.73 3.12 -2.13
CA ALA A 132 -27.22 2.03 -2.98
C ALA A 132 -25.78 2.31 -3.44
N GLU A 133 -25.36 3.58 -3.46
CA GLU A 133 -24.03 4.07 -3.84
C GLU A 133 -23.12 4.38 -2.61
N ARG A 134 -23.44 3.78 -1.42
CA ARG A 134 -22.70 3.96 -0.15
C ARG A 134 -21.25 3.52 -0.21
N ASP A 135 -20.92 2.53 -1.09
CA ASP A 135 -19.57 2.00 -1.18
C ASP A 135 -18.47 3.05 -1.33
N GLY A 136 -18.76 4.11 -2.10
CA GLY A 136 -17.85 5.22 -2.36
C GLY A 136 -17.40 5.98 -1.14
N LEU A 137 -18.36 6.36 -0.25
CA LEU A 137 -18.11 7.07 1.02
C LEU A 137 -17.32 6.14 1.96
N ALA A 138 -17.65 4.80 1.93
CA ALA A 138 -17.03 3.73 2.71
C ALA A 138 -15.58 3.54 2.29
N GLN A 139 -15.29 3.52 0.97
CA GLN A 139 -13.93 3.38 0.43
C GLN A 139 -13.06 4.54 0.92
N LEU A 140 -13.65 5.75 0.93
CA LEU A 140 -13.03 7.01 1.35
C LEU A 140 -12.63 6.94 2.81
N MET A 141 -13.61 6.64 3.69
CA MET A 141 -13.45 6.57 5.14
C MET A 141 -12.31 5.64 5.60
N CYS A 142 -12.26 4.39 5.06
CA CYS A 142 -11.23 3.37 5.31
C CYS A 142 -9.82 3.92 5.08
N GLU A 143 -9.63 4.59 3.93
CA GLU A 143 -8.39 5.20 3.48
C GLU A 143 -7.91 6.32 4.39
N LEU A 144 -8.85 7.10 4.99
CA LEU A 144 -8.43 8.15 5.92
C LEU A 144 -8.20 7.53 7.27
N LYS A 145 -9.25 6.86 7.83
CA LYS A 145 -9.24 6.26 9.17
C LYS A 145 -7.93 5.59 9.55
N MET A 146 -7.40 4.71 8.65
CA MET A 146 -6.15 3.94 8.81
C MET A 146 -4.91 4.73 9.27
N HIS A 147 -4.86 6.05 8.99
CA HIS A 147 -3.73 6.93 9.32
C HIS A 147 -3.88 7.71 10.66
N PHE A 148 -5.02 7.54 11.32
CA PHE A 148 -5.37 8.24 12.56
C PHE A 148 -5.55 7.28 13.70
N ASP A 149 -5.24 7.74 14.93
CA ASP A 149 -5.40 6.93 16.14
C ASP A 149 -6.87 6.59 16.42
N PHE A 150 -7.77 7.58 16.22
CA PHE A 150 -9.18 7.42 16.45
C PHE A 150 -9.99 8.03 15.32
N LEU A 151 -11.25 7.63 15.22
CA LEU A 151 -12.26 8.14 14.31
C LEU A 151 -13.57 8.23 15.13
N ILE A 152 -14.00 9.46 15.39
CA ILE A 152 -15.23 9.75 16.14
C ILE A 152 -16.29 10.24 15.15
N GLU A 153 -17.26 9.35 14.85
CA GLU A 153 -18.39 9.54 13.95
C GLU A 153 -19.59 9.82 14.85
N SER A 154 -20.14 11.04 14.76
CA SER A 154 -21.26 11.52 15.58
C SER A 154 -22.48 10.58 15.58
N CYS A 155 -22.74 9.94 14.45
CA CYS A 155 -23.87 9.01 14.29
C CYS A 155 -23.73 7.69 15.07
N GLN A 156 -22.48 7.34 15.48
CA GLN A 156 -22.23 6.10 16.22
C GLN A 156 -22.20 6.37 17.72
N VAL A 157 -21.69 7.56 18.15
CA VAL A 157 -21.66 8.02 19.55
C VAL A 157 -23.00 8.59 20.05
N GLY A 158 -23.83 9.09 19.13
CA GLY A 158 -25.13 9.66 19.47
C GLY A 158 -25.13 11.12 19.88
N MET A 159 -24.02 11.84 19.63
CA MET A 159 -23.84 13.27 19.96
C MET A 159 -23.39 14.02 18.72
N VAL A 160 -23.44 15.37 18.75
CA VAL A 160 -23.05 16.21 17.61
C VAL A 160 -22.19 17.44 17.99
N LYS A 161 -21.40 17.94 17.04
CA LYS A 161 -20.68 19.22 17.18
C LYS A 161 -21.85 20.20 16.85
N PRO A 162 -22.11 21.33 17.57
CA PRO A 162 -21.34 21.97 18.63
C PRO A 162 -21.72 21.66 20.09
N GLU A 163 -22.45 20.55 20.37
CA GLU A 163 -22.84 20.20 21.76
C GLU A 163 -21.59 20.00 22.61
N PRO A 164 -21.52 20.53 23.85
CA PRO A 164 -20.30 20.39 24.66
C PRO A 164 -19.85 18.97 25.02
N GLN A 165 -20.81 18.00 25.06
CA GLN A 165 -20.56 16.62 25.42
C GLN A 165 -19.56 15.87 24.55
N ILE A 166 -19.68 15.98 23.20
CA ILE A 166 -18.78 15.36 22.21
C ILE A 166 -17.31 15.82 22.41
N TYR A 167 -17.14 17.09 22.79
CA TYR A 167 -15.82 17.68 23.06
C TYR A 167 -15.21 17.03 24.31
N LYS A 168 -16.04 16.77 25.34
CA LYS A 168 -15.61 16.08 26.55
C LYS A 168 -15.41 14.57 26.29
N PHE A 169 -16.14 13.99 25.30
CA PHE A 169 -16.00 12.60 24.85
C PHE A 169 -14.65 12.42 24.12
N LEU A 170 -14.41 13.23 23.07
CA LEU A 170 -13.18 13.20 22.29
C LEU A 170 -11.97 13.38 23.23
N LEU A 171 -12.00 14.43 24.13
CA LEU A 171 -10.97 14.72 25.15
C LEU A 171 -10.68 13.49 26.00
N ASP A 172 -11.74 12.74 26.36
CA ASP A 172 -11.60 11.53 27.14
C ASP A 172 -10.95 10.42 26.29
N THR A 173 -11.39 10.27 25.02
CA THR A 173 -10.80 9.29 24.07
C THR A 173 -9.30 9.59 23.84
N LEU A 174 -8.97 10.87 23.60
CA LEU A 174 -7.58 11.34 23.42
C LEU A 174 -6.73 11.12 24.68
N LYS A 175 -7.39 10.97 25.87
CA LYS A 175 -6.77 10.83 27.18
C LYS A 175 -5.86 12.00 27.51
N ALA A 176 -6.08 13.12 26.80
CA ALA A 176 -5.34 14.37 26.94
C ALA A 176 -6.21 15.46 27.51
N SER A 177 -5.58 16.55 27.95
CA SER A 177 -6.27 17.72 28.49
C SER A 177 -6.54 18.74 27.36
N PRO A 178 -7.42 19.76 27.56
CA PRO A 178 -7.69 20.72 26.47
C PRO A 178 -6.47 21.36 25.81
N SER A 179 -5.64 22.14 26.57
CA SER A 179 -4.47 22.85 26.04
C SER A 179 -3.47 21.96 25.26
N GLU A 180 -3.56 20.64 25.41
CA GLU A 180 -2.71 19.66 24.70
C GLU A 180 -3.26 19.33 23.29
N VAL A 181 -4.46 19.86 22.96
CA VAL A 181 -5.16 19.57 21.71
C VAL A 181 -5.28 20.73 20.73
N VAL A 182 -4.93 20.44 19.44
CA VAL A 182 -5.09 21.31 18.29
C VAL A 182 -6.38 20.80 17.65
N PHE A 183 -7.32 21.70 17.34
CA PHE A 183 -8.59 21.34 16.71
C PHE A 183 -8.80 22.16 15.42
N LEU A 184 -8.97 21.42 14.30
CA LEU A 184 -9.15 21.96 12.95
C LEU A 184 -10.56 21.65 12.43
N ASP A 185 -11.31 22.73 12.13
CA ASP A 185 -12.69 22.67 11.60
C ASP A 185 -12.92 23.83 10.62
N ASP A 186 -13.74 23.61 9.61
CA ASP A 186 -14.12 24.64 8.65
C ASP A 186 -15.36 25.41 9.13
N ILE A 187 -16.04 24.89 10.18
CA ILE A 187 -17.23 25.48 10.76
C ILE A 187 -16.87 26.32 12.00
N GLY A 188 -16.97 27.62 11.86
CA GLY A 188 -16.66 28.60 12.91
C GLY A 188 -17.28 28.37 14.27
N ALA A 189 -18.53 27.91 14.30
CA ALA A 189 -19.31 27.65 15.52
C ALA A 189 -18.91 26.33 16.18
N ASN A 190 -18.40 25.36 15.36
CA ASN A 190 -17.92 24.05 15.80
C ASN A 190 -16.54 24.17 16.49
N LEU A 191 -15.90 25.35 16.38
CA LEU A 191 -14.60 25.60 17.00
C LEU A 191 -14.75 26.29 18.34
N LYS A 192 -15.75 27.19 18.45
CA LYS A 192 -16.15 27.94 19.64
C LYS A 192 -16.26 27.04 20.90
N PRO A 193 -16.89 25.82 20.89
CA PRO A 193 -16.91 25.01 22.14
C PRO A 193 -15.51 24.52 22.48
N ALA A 194 -14.79 24.01 21.45
CA ALA A 194 -13.41 23.55 21.58
C ALA A 194 -12.51 24.67 22.08
N ARG A 195 -12.73 25.93 21.61
CA ARG A 195 -11.98 27.11 22.07
C ARG A 195 -12.30 27.48 23.52
N ASP A 196 -13.60 27.57 23.88
CA ASP A 196 -14.07 27.86 25.25
C ASP A 196 -13.51 26.88 26.29
N LEU A 197 -13.16 25.67 25.87
CA LEU A 197 -12.59 24.60 26.70
C LEU A 197 -11.08 24.80 26.92
N GLY A 198 -10.44 25.59 26.04
CA GLY A 198 -9.00 25.91 26.12
C GLY A 198 -8.09 25.26 25.09
N MET A 199 -8.68 24.48 24.13
CA MET A 199 -7.94 23.84 23.04
C MET A 199 -7.55 24.88 21.98
N VAL A 200 -6.39 24.67 21.31
CA VAL A 200 -5.95 25.54 20.23
C VAL A 200 -6.86 25.22 19.02
N THR A 201 -7.46 26.28 18.44
CA THR A 201 -8.38 26.15 17.31
C THR A 201 -7.84 26.74 16.00
N ILE A 202 -8.19 26.08 14.88
CA ILE A 202 -7.83 26.52 13.53
C ILE A 202 -9.08 26.51 12.64
N LEU A 203 -9.50 27.69 12.17
CA LEU A 203 -10.62 27.79 11.23
C LEU A 203 -9.99 27.52 9.88
N VAL A 204 -10.47 26.47 9.23
CA VAL A 204 -9.91 26.04 7.95
C VAL A 204 -10.68 26.72 6.85
N GLN A 205 -10.08 27.71 6.20
CA GLN A 205 -10.68 28.29 5.00
C GLN A 205 -9.88 27.59 3.90
N ASP A 206 -8.67 28.12 3.58
CA ASP A 206 -7.77 27.49 2.62
C ASP A 206 -6.83 26.55 3.38
N THR A 207 -6.37 25.47 2.73
CA THR A 207 -5.45 24.50 3.34
C THR A 207 -4.10 25.12 3.72
N ASP A 208 -3.46 25.89 2.81
CA ASP A 208 -2.17 26.53 3.05
C ASP A 208 -2.08 27.40 4.31
N THR A 209 -3.08 28.29 4.54
CA THR A 209 -3.08 29.13 5.75
C THR A 209 -3.36 28.28 6.99
N ALA A 210 -4.34 27.34 6.90
CA ALA A 210 -4.69 26.42 8.00
C ALA A 210 -3.43 25.69 8.50
N LEU A 211 -2.65 25.05 7.57
CA LEU A 211 -1.38 24.37 7.83
C LEU A 211 -0.24 25.28 8.33
N LYS A 212 -0.26 26.56 7.95
CA LYS A 212 0.71 27.57 8.36
C LYS A 212 0.48 27.89 9.83
N GLU A 213 -0.80 27.93 10.27
CA GLU A 213 -1.16 28.13 11.68
C GLU A 213 -0.79 26.84 12.42
N LEU A 214 -1.11 25.67 11.83
CA LEU A 214 -0.82 24.34 12.36
C LEU A 214 0.69 24.05 12.56
N GLU A 215 1.58 24.75 11.81
CA GLU A 215 3.03 24.59 11.99
C GLU A 215 3.60 25.62 12.97
N LYS A 216 3.06 26.84 12.94
CA LYS A 216 3.51 27.87 13.86
C LYS A 216 3.21 27.43 15.30
N VAL A 217 2.03 26.81 15.50
CA VAL A 217 1.56 26.31 16.80
C VAL A 217 2.25 24.99 17.25
N THR A 218 2.46 24.03 16.33
CA THR A 218 3.13 22.77 16.69
C THR A 218 4.63 22.95 16.79
N GLY A 219 5.19 23.88 16.03
CA GLY A 219 6.63 24.10 15.93
C GLY A 219 7.30 22.95 15.18
N ILE A 220 6.50 22.28 14.31
CA ILE A 220 6.84 21.14 13.47
C ILE A 220 6.57 21.52 12.02
N GLN A 221 7.51 21.23 11.09
CA GLN A 221 7.38 21.56 9.68
C GLN A 221 6.37 20.66 8.98
N LEU A 222 5.39 21.27 8.32
CA LEU A 222 4.32 20.57 7.61
C LEU A 222 4.19 21.05 6.17
N LEU A 223 4.64 22.29 5.90
CA LEU A 223 4.60 22.86 4.56
C LEU A 223 5.97 22.80 3.93
N ASN A 224 6.04 22.69 2.60
CA ASN A 224 7.28 22.62 1.83
C ASN A 224 8.17 21.43 2.25
N THR A 225 7.54 20.36 2.77
CA THR A 225 8.26 19.18 3.23
C THR A 225 8.79 18.37 2.02
N PRO A 226 9.80 17.50 2.17
CA PRO A 226 10.21 16.67 1.03
C PRO A 226 9.08 15.69 0.66
N ALA A 227 9.19 15.08 -0.53
CA ALA A 227 8.22 14.09 -1.01
C ALA A 227 8.10 12.89 -0.04
N PRO A 228 6.88 12.60 0.46
CA PRO A 228 6.73 11.51 1.44
C PRO A 228 6.81 10.10 0.84
N LEU A 229 7.22 9.14 1.67
CA LEU A 229 7.34 7.74 1.30
C LEU A 229 5.92 7.14 1.16
N PRO A 230 5.66 6.11 0.32
CA PRO A 230 4.31 5.52 0.29
C PRO A 230 4.01 4.87 1.64
N THR A 231 2.72 4.59 1.92
CA THR A 231 2.28 3.96 3.17
C THR A 231 2.77 2.51 3.22
N SER A 232 3.36 2.14 4.36
CA SER A 232 3.92 0.81 4.59
C SER A 232 2.96 -0.11 5.40
N CYS A 233 3.46 -1.29 5.79
CA CYS A 233 2.73 -2.29 6.54
C CYS A 233 3.26 -2.45 7.94
N ASN A 234 2.36 -2.74 8.89
CA ASN A 234 2.72 -3.16 10.23
C ASN A 234 2.28 -4.62 10.19
N PRO A 235 3.26 -5.56 10.24
CA PRO A 235 2.95 -7.00 10.16
C PRO A 235 1.85 -7.47 11.11
N SER A 236 1.73 -6.80 12.28
CA SER A 236 0.71 -7.08 13.29
C SER A 236 -0.73 -6.73 12.83
N ASP A 237 -0.86 -5.77 11.90
CA ASP A 237 -2.14 -5.28 11.39
C ASP A 237 -2.60 -5.90 10.06
N MET A 238 -1.94 -6.96 9.63
CA MET A 238 -2.31 -7.58 8.36
C MET A 238 -3.13 -8.84 8.56
N SER A 239 -3.82 -9.28 7.49
CA SER A 239 -4.53 -10.55 7.49
C SER A 239 -3.50 -11.58 7.06
N HIS A 240 -3.27 -12.59 7.89
CA HIS A 240 -2.26 -13.59 7.60
C HIS A 240 -2.92 -14.85 7.13
N GLY A 241 -2.48 -15.34 5.98
CA GLY A 241 -3.04 -16.53 5.33
C GLY A 241 -2.11 -17.72 5.20
N TYR A 242 -2.66 -18.93 5.34
CA TYR A 242 -1.87 -20.17 5.28
C TYR A 242 -2.59 -21.21 4.49
N VAL A 243 -1.90 -21.80 3.48
CA VAL A 243 -2.45 -22.83 2.58
C VAL A 243 -1.48 -24.01 2.57
N THR A 244 -1.97 -25.25 2.70
CA THR A 244 -1.12 -26.41 2.64
C THR A 244 -1.17 -26.91 1.18
N VAL A 245 -0.01 -26.86 0.50
CA VAL A 245 0.10 -27.30 -0.91
C VAL A 245 0.33 -28.80 -1.07
N LYS A 246 1.10 -29.39 -0.16
CA LYS A 246 1.46 -30.81 -0.09
C LYS A 246 1.63 -31.18 1.40
N PRO A 247 1.51 -32.48 1.81
CA PRO A 247 1.57 -32.81 3.25
C PRO A 247 2.72 -32.16 4.01
N ARG A 248 3.93 -32.24 3.47
CA ARG A 248 5.09 -31.61 4.11
C ARG A 248 5.19 -30.08 3.94
N VAL A 249 4.55 -29.49 2.89
CA VAL A 249 4.66 -28.05 2.59
C VAL A 249 3.40 -27.20 2.67
N ARG A 250 3.53 -26.10 3.41
CA ARG A 250 2.51 -25.07 3.61
C ARG A 250 3.10 -23.70 3.19
N LEU A 251 2.26 -22.80 2.63
CA LEU A 251 2.70 -21.48 2.22
C LEU A 251 1.98 -20.33 2.92
N HIS A 252 2.70 -19.29 3.31
CA HIS A 252 2.09 -18.19 4.01
C HIS A 252 2.07 -16.89 3.18
N PHE A 253 1.00 -16.11 3.37
CA PHE A 253 0.78 -14.86 2.67
C PHE A 253 0.04 -13.85 3.52
N VAL A 254 0.09 -12.62 3.07
CA VAL A 254 -0.52 -11.46 3.68
C VAL A 254 -1.54 -10.90 2.66
N GLU A 255 -2.80 -10.69 3.09
CA GLU A 255 -3.88 -10.19 2.24
C GLU A 255 -4.38 -8.75 2.55
N LEU A 256 -4.49 -7.92 1.49
CA LEU A 256 -5.05 -6.56 1.55
C LEU A 256 -5.75 -6.16 0.21
N GLY A 257 -6.96 -5.62 0.30
CA GLY A 257 -7.75 -5.18 -0.86
C GLY A 257 -8.72 -6.15 -1.48
N SER A 258 -9.60 -5.62 -2.33
CA SER A 258 -10.62 -6.39 -3.04
C SER A 258 -10.45 -6.25 -4.54
N GLY A 259 -10.75 -7.32 -5.28
CA GLY A 259 -10.70 -7.27 -6.73
C GLY A 259 -9.81 -8.28 -7.39
N PRO A 260 -9.26 -7.93 -8.59
CA PRO A 260 -8.37 -8.89 -9.28
C PRO A 260 -7.13 -9.21 -8.43
N ALA A 261 -6.94 -10.53 -8.15
CA ALA A 261 -5.85 -11.13 -7.36
C ALA A 261 -4.48 -10.86 -7.98
N VAL A 262 -3.57 -10.28 -7.16
CA VAL A 262 -2.22 -9.84 -7.48
C VAL A 262 -1.22 -10.51 -6.54
N CYS A 263 -0.66 -11.65 -7.01
CA CYS A 263 0.31 -12.44 -6.27
C CYS A 263 1.76 -11.93 -6.40
N LEU A 264 2.28 -11.34 -5.30
CA LEU A 264 3.63 -10.77 -5.12
C LEU A 264 4.62 -11.81 -4.69
N CYS A 265 5.71 -11.89 -5.44
CA CYS A 265 6.74 -12.92 -5.26
C CYS A 265 8.11 -12.29 -5.04
N HIS A 266 8.64 -12.42 -3.83
CA HIS A 266 9.92 -11.84 -3.43
C HIS A 266 11.13 -12.65 -3.92
N GLY A 267 12.31 -12.04 -3.77
CA GLY A 267 13.57 -12.69 -4.12
C GLY A 267 14.37 -13.15 -2.90
N PHE A 268 15.70 -13.21 -3.05
CA PHE A 268 16.65 -13.69 -2.06
C PHE A 268 17.53 -12.59 -1.57
N PRO A 269 17.75 -12.46 -0.23
CA PRO A 269 17.15 -13.20 0.90
C PRO A 269 16.05 -12.30 1.50
N GLU A 270 14.86 -12.37 0.90
CA GLU A 270 13.79 -11.45 1.22
C GLU A 270 12.57 -11.99 2.04
N SER A 271 11.38 -11.37 1.88
CA SER A 271 10.18 -11.67 2.68
C SER A 271 8.91 -11.14 1.96
N TRP A 272 7.69 -11.45 2.50
CA TRP A 272 6.44 -10.84 2.00
C TRP A 272 6.61 -9.32 2.25
N TYR A 273 7.37 -8.99 3.30
CA TYR A 273 7.66 -7.63 3.79
C TYR A 273 8.45 -6.78 2.81
N SER A 274 9.15 -7.40 1.85
CA SER A 274 9.89 -6.66 0.82
C SER A 274 8.96 -5.77 -0.01
N TRP A 275 7.68 -6.24 -0.18
CA TRP A 275 6.58 -5.57 -0.87
C TRP A 275 5.75 -4.63 0.04
N ARG A 276 6.24 -4.32 1.26
CA ARG A 276 5.53 -3.51 2.26
C ARG A 276 5.01 -2.18 1.76
N TYR A 277 5.79 -1.45 0.93
CA TYR A 277 5.41 -0.15 0.39
C TYR A 277 4.47 -0.30 -0.85
N GLN A 278 4.23 -1.55 -1.32
CA GLN A 278 3.41 -1.87 -2.51
C GLN A 278 2.04 -2.44 -2.15
N ILE A 279 1.95 -3.22 -1.04
CA ILE A 279 0.69 -3.84 -0.60
C ILE A 279 -0.40 -2.73 -0.35
N PRO A 280 -0.21 -1.72 0.52
CA PRO A 280 -1.27 -0.69 0.69
C PRO A 280 -1.66 0.05 -0.61
N ALA A 281 -0.64 0.55 -1.39
CA ALA A 281 -0.83 1.27 -2.66
C ALA A 281 -1.62 0.50 -3.70
N LEU A 282 -1.26 -0.78 -3.92
CA LEU A 282 -1.89 -1.69 -4.88
C LEU A 282 -3.33 -2.08 -4.47
N ALA A 283 -3.62 -2.17 -3.15
CA ALA A 283 -4.95 -2.49 -2.62
C ALA A 283 -5.85 -1.28 -2.80
N GLN A 284 -5.26 -0.09 -2.68
CA GLN A 284 -5.93 1.20 -2.85
C GLN A 284 -6.35 1.39 -4.31
N ALA A 285 -5.57 0.82 -5.24
CA ALA A 285 -5.75 0.86 -6.71
C ALA A 285 -6.82 -0.14 -7.22
N GLY A 286 -7.41 -0.88 -6.29
CA GLY A 286 -8.50 -1.80 -6.55
C GLY A 286 -8.02 -3.20 -6.82
N TYR A 287 -6.99 -3.63 -6.07
CA TYR A 287 -6.52 -5.01 -6.24
C TYR A 287 -6.51 -5.81 -4.96
N ARG A 288 -6.67 -7.12 -5.08
CA ARG A 288 -6.58 -8.07 -3.99
C ARG A 288 -5.09 -8.44 -4.01
N VAL A 289 -4.35 -7.96 -3.03
CA VAL A 289 -2.92 -8.17 -2.96
C VAL A 289 -2.63 -9.40 -2.11
N LEU A 290 -1.78 -10.30 -2.60
CA LEU A 290 -1.38 -11.51 -1.88
C LEU A 290 0.14 -11.54 -1.92
N ALA A 291 0.75 -11.00 -0.86
CA ALA A 291 2.20 -10.90 -0.68
C ALA A 291 2.71 -12.20 -0.09
N MET A 292 3.25 -13.06 -0.91
CA MET A 292 3.76 -14.38 -0.52
C MET A 292 5.00 -14.37 0.37
N ASP A 293 5.15 -15.44 1.17
CA ASP A 293 6.38 -15.78 1.88
C ASP A 293 6.68 -16.96 1.08
N MET A 294 7.61 -16.84 0.13
CA MET A 294 7.91 -17.98 -0.77
C MET A 294 8.53 -19.13 0.03
N LYS A 295 8.47 -20.33 -0.55
CA LYS A 295 8.97 -21.57 0.04
C LYS A 295 10.43 -21.43 0.49
N GLY A 296 10.63 -21.57 1.81
CA GLY A 296 11.92 -21.48 2.47
C GLY A 296 12.09 -20.27 3.37
N TYR A 297 11.11 -19.34 3.30
CA TYR A 297 11.11 -18.07 4.03
C TYR A 297 9.93 -17.93 5.04
N GLY A 298 10.14 -17.04 6.01
CA GLY A 298 9.23 -16.67 7.09
C GLY A 298 8.44 -17.83 7.65
N GLU A 299 7.13 -17.79 7.37
CA GLU A 299 6.12 -18.71 7.86
C GLU A 299 5.71 -19.77 6.87
N SER A 300 6.39 -19.85 5.72
CA SER A 300 6.11 -20.95 4.78
C SER A 300 7.08 -22.04 5.14
N SER A 301 6.73 -23.28 4.79
CA SER A 301 7.57 -24.43 5.10
C SER A 301 8.89 -24.42 4.32
N ALA A 302 9.97 -24.82 5.02
CA ALA A 302 11.31 -24.89 4.49
C ALA A 302 11.88 -26.34 4.49
N PRO A 303 11.42 -27.24 3.57
CA PRO A 303 12.01 -28.59 3.52
C PRO A 303 13.52 -28.53 3.25
N PRO A 304 14.33 -29.47 3.77
CA PRO A 304 15.79 -29.36 3.60
C PRO A 304 16.34 -29.72 2.21
N GLU A 305 15.64 -30.58 1.46
CA GLU A 305 16.08 -31.08 0.16
C GLU A 305 16.22 -29.98 -0.90
N ILE A 306 17.28 -30.10 -1.71
CA ILE A 306 17.60 -29.18 -2.80
C ILE A 306 16.48 -29.20 -3.87
N GLU A 307 16.07 -30.42 -4.34
CA GLU A 307 15.07 -30.78 -5.36
C GLU A 307 13.66 -30.21 -5.12
N GLU A 308 13.40 -29.75 -3.89
CA GLU A 308 12.16 -29.15 -3.44
C GLU A 308 12.09 -27.72 -3.91
N TYR A 309 13.21 -27.19 -4.42
CA TYR A 309 13.32 -25.80 -4.88
C TYR A 309 13.58 -25.65 -6.37
N CYS A 310 13.34 -26.69 -7.14
CA CYS A 310 13.46 -26.55 -8.58
C CYS A 310 12.19 -25.87 -9.09
N MET A 311 12.34 -25.01 -10.10
CA MET A 311 11.27 -24.24 -10.72
C MET A 311 9.99 -25.05 -10.98
N GLU A 312 10.10 -26.30 -11.51
CA GLU A 312 8.96 -27.23 -11.75
C GLU A 312 8.15 -27.56 -10.49
N VAL A 313 8.86 -27.74 -9.36
CA VAL A 313 8.21 -28.08 -8.09
C VAL A 313 7.53 -26.85 -7.48
N LEU A 314 8.21 -25.70 -7.50
CA LEU A 314 7.74 -24.42 -6.99
C LEU A 314 6.55 -23.82 -7.74
N CYS A 315 6.49 -24.02 -9.08
CA CYS A 315 5.42 -23.53 -9.94
C CYS A 315 4.15 -24.42 -9.84
N LYS A 316 4.32 -25.74 -9.59
CA LYS A 316 3.24 -26.71 -9.35
C LYS A 316 2.56 -26.31 -8.03
N GLU A 317 3.38 -25.87 -7.04
CA GLU A 317 2.95 -25.43 -5.72
C GLU A 317 2.26 -24.06 -5.76
N MET A 318 2.68 -23.18 -6.69
CA MET A 318 1.98 -21.90 -6.88
C MET A 318 0.61 -22.16 -7.53
N VAL A 319 0.50 -23.20 -8.37
CA VAL A 319 -0.71 -23.65 -9.06
C VAL A 319 -1.63 -24.31 -8.03
N THR A 320 -1.07 -25.15 -7.13
CA THR A 320 -1.84 -25.86 -6.08
C THR A 320 -2.42 -24.84 -5.11
N PHE A 321 -1.63 -23.82 -4.77
CA PHE A 321 -2.01 -22.71 -3.91
C PHE A 321 -3.30 -22.07 -4.50
N LEU A 322 -3.27 -21.71 -5.82
CA LEU A 322 -4.41 -21.13 -6.54
C LEU A 322 -5.66 -22.01 -6.40
N ASP A 323 -5.52 -23.31 -6.80
CA ASP A 323 -6.46 -24.44 -6.76
C ASP A 323 -7.16 -24.60 -5.42
N LYS A 324 -6.40 -24.46 -4.31
CA LYS A 324 -6.88 -24.57 -2.94
C LYS A 324 -7.57 -23.28 -2.48
N LEU A 325 -7.10 -22.08 -2.94
CA LEU A 325 -7.70 -20.77 -2.64
C LEU A 325 -8.96 -20.45 -3.43
N GLY A 326 -9.18 -21.21 -4.50
CA GLY A 326 -10.30 -21.08 -5.43
C GLY A 326 -10.07 -20.06 -6.51
N LEU A 327 -8.79 -19.86 -6.92
CA LEU A 327 -8.43 -18.85 -7.92
C LEU A 327 -8.05 -19.49 -9.22
N SER A 328 -8.77 -19.13 -10.27
CA SER A 328 -8.55 -19.62 -11.63
C SER A 328 -7.37 -18.84 -12.23
N GLN A 329 -7.17 -17.63 -11.73
CA GLN A 329 -6.11 -16.77 -12.19
C GLN A 329 -5.56 -15.90 -11.12
N ALA A 330 -4.37 -15.35 -11.39
CA ALA A 330 -3.71 -14.36 -10.56
C ALA A 330 -2.73 -13.58 -11.42
N VAL A 331 -2.61 -12.25 -11.16
CA VAL A 331 -1.57 -11.45 -11.79
C VAL A 331 -0.33 -11.89 -10.96
N PHE A 332 0.80 -12.14 -11.61
CA PHE A 332 2.01 -12.61 -10.95
C PHE A 332 3.13 -11.61 -11.12
N ILE A 333 3.46 -10.90 -10.04
CA ILE A 333 4.51 -9.89 -9.98
C ILE A 333 5.67 -10.40 -9.12
N GLY A 334 6.81 -10.65 -9.77
CA GLY A 334 8.00 -11.12 -9.08
C GLY A 334 9.18 -10.17 -9.09
N HIS A 335 10.17 -10.46 -8.26
CA HIS A 335 11.41 -9.70 -8.18
C HIS A 335 12.48 -10.69 -7.86
N ASP A 336 13.66 -10.51 -8.47
CA ASP A 336 14.82 -11.36 -8.24
C ASP A 336 14.43 -12.83 -8.54
N TRP A 337 14.44 -13.74 -7.54
CA TRP A 337 14.10 -15.14 -7.78
C TRP A 337 12.63 -15.39 -8.07
N GLY A 338 11.77 -14.56 -7.50
CA GLY A 338 10.33 -14.61 -7.74
C GLY A 338 10.03 -14.21 -9.18
N GLY A 339 10.82 -13.27 -9.69
CA GLY A 339 10.77 -12.79 -11.08
C GLY A 339 11.02 -13.92 -12.05
N MET A 340 11.96 -14.83 -11.73
CA MET A 340 12.25 -16.02 -12.50
C MET A 340 11.03 -16.96 -12.44
N LEU A 341 10.52 -17.25 -11.22
CA LEU A 341 9.35 -18.10 -11.00
C LEU A 341 8.14 -17.64 -11.84
N VAL A 342 7.92 -16.33 -11.85
CA VAL A 342 6.90 -15.55 -12.53
C VAL A 342 6.95 -15.71 -14.06
N TRP A 343 8.16 -15.68 -14.66
CA TRP A 343 8.34 -15.90 -16.10
C TRP A 343 8.02 -17.32 -16.47
N TYR A 344 8.44 -18.28 -15.64
CA TYR A 344 8.13 -19.69 -15.87
C TYR A 344 6.68 -20.03 -15.50
N MET A 345 6.02 -19.16 -14.69
CA MET A 345 4.58 -19.31 -14.41
C MET A 345 3.81 -19.03 -15.68
N ALA A 346 4.21 -18.01 -16.44
CA ALA A 346 3.66 -17.62 -17.73
C ALA A 346 3.98 -18.65 -18.84
N LEU A 347 5.17 -19.29 -18.83
CA LEU A 347 5.54 -20.26 -19.88
C LEU A 347 4.86 -21.58 -19.77
N PHE A 348 4.63 -22.03 -18.53
CA PHE A 348 4.09 -23.36 -18.25
C PHE A 348 2.65 -23.37 -17.86
N TYR A 349 2.17 -22.26 -17.29
CA TYR A 349 0.78 -22.17 -16.87
C TYR A 349 0.14 -20.81 -17.29
N PRO A 350 0.05 -20.48 -18.60
CA PRO A 350 -0.60 -19.21 -18.99
C PRO A 350 -2.09 -19.10 -18.61
N GLU A 351 -2.85 -20.24 -18.56
CA GLU A 351 -4.28 -20.26 -18.17
C GLU A 351 -4.50 -19.62 -16.78
N ARG A 352 -3.58 -19.89 -15.83
CA ARG A 352 -3.62 -19.49 -14.44
C ARG A 352 -3.00 -18.14 -14.16
N VAL A 353 -2.29 -17.60 -15.17
CA VAL A 353 -1.64 -16.32 -15.04
C VAL A 353 -2.44 -15.33 -15.86
N ARG A 354 -2.97 -14.29 -15.20
CA ARG A 354 -3.74 -13.24 -15.85
C ARG A 354 -2.77 -12.35 -16.60
N ALA A 355 -1.78 -11.81 -15.88
CA ALA A 355 -0.72 -10.90 -16.36
C ALA A 355 0.58 -11.20 -15.61
N VAL A 356 1.71 -10.86 -16.21
CA VAL A 356 3.01 -11.12 -15.61
C VAL A 356 3.92 -9.91 -15.62
N ALA A 357 4.47 -9.55 -14.45
CA ALA A 357 5.41 -8.43 -14.29
C ALA A 357 6.67 -8.87 -13.55
N SER A 358 7.83 -8.37 -14.00
CA SER A 358 9.08 -8.69 -13.32
C SER A 358 9.91 -7.49 -13.02
N LEU A 359 10.39 -7.42 -11.78
CA LEU A 359 11.27 -6.35 -11.35
C LEU A 359 12.70 -6.90 -11.43
N ASN A 360 13.59 -6.20 -12.18
CA ASN A 360 15.01 -6.48 -12.38
C ASN A 360 15.33 -7.76 -13.14
N THR A 361 14.61 -8.87 -12.85
CA THR A 361 14.82 -10.19 -13.42
C THR A 361 14.33 -10.29 -14.83
N PRO A 362 15.20 -10.67 -15.77
CA PRO A 362 14.75 -10.78 -17.15
C PRO A 362 14.39 -12.19 -17.55
N PHE A 363 13.63 -12.32 -18.64
CA PHE A 363 13.35 -13.64 -19.19
C PHE A 363 14.53 -13.90 -20.14
N ILE A 364 15.18 -15.07 -20.00
CA ILE A 364 16.29 -15.44 -20.85
C ILE A 364 16.15 -16.93 -21.06
N PRO A 365 15.97 -17.36 -22.32
CA PRO A 365 15.78 -18.80 -22.60
C PRO A 365 17.00 -19.67 -22.28
N ALA A 366 16.76 -20.97 -22.13
CA ALA A 366 17.82 -21.95 -21.86
C ALA A 366 18.63 -22.17 -23.14
N ASN A 367 19.91 -22.55 -22.99
CA ASN A 367 20.75 -22.87 -24.12
C ASN A 367 20.83 -24.39 -24.15
N PRO A 368 20.18 -25.06 -25.13
CA PRO A 368 20.23 -26.53 -25.17
C PRO A 368 21.60 -27.09 -25.53
N ASN A 369 22.56 -26.19 -25.88
CA ASN A 369 23.92 -26.49 -26.31
C ASN A 369 24.98 -26.12 -25.27
N MET A 370 24.56 -25.53 -24.14
CA MET A 370 25.49 -25.18 -23.06
C MET A 370 24.93 -25.52 -21.70
N SER A 371 25.76 -26.20 -20.88
CA SER A 371 25.43 -26.59 -19.51
C SER A 371 25.30 -25.30 -18.69
N PRO A 372 24.25 -25.19 -17.84
CA PRO A 372 24.07 -23.94 -17.07
C PRO A 372 25.22 -23.48 -16.17
N LEU A 373 26.09 -24.43 -15.71
CA LEU A 373 27.26 -24.13 -14.88
C LEU A 373 28.25 -23.24 -15.62
N GLU A 374 28.52 -23.56 -16.89
CA GLU A 374 29.42 -22.85 -17.79
C GLU A 374 28.90 -21.42 -18.00
N SER A 375 27.55 -21.26 -18.08
CA SER A 375 26.83 -20.00 -18.25
C SER A 375 27.02 -19.02 -17.07
N ILE A 376 27.16 -19.56 -15.83
CA ILE A 376 27.36 -18.77 -14.61
C ILE A 376 28.81 -18.30 -14.49
N LYS A 377 29.76 -19.18 -14.84
CA LYS A 377 31.21 -18.90 -14.81
C LYS A 377 31.55 -17.82 -15.81
N ALA A 378 30.92 -17.88 -17.00
CA ALA A 378 31.06 -16.94 -18.13
C ALA A 378 30.90 -15.45 -17.80
N ASN A 379 30.15 -15.11 -16.72
CA ASN A 379 29.92 -13.72 -16.30
C ASN A 379 30.45 -13.45 -14.88
N PRO A 380 31.42 -12.51 -14.77
CA PRO A 380 32.03 -12.19 -13.45
C PRO A 380 31.10 -11.74 -12.31
N VAL A 381 29.99 -11.05 -12.62
CA VAL A 381 29.03 -10.61 -11.61
C VAL A 381 28.29 -11.77 -10.92
N PHE A 382 28.16 -12.92 -11.60
CA PHE A 382 27.47 -14.13 -11.09
C PHE A 382 28.35 -15.05 -10.26
N ASP A 383 29.52 -14.58 -9.82
CA ASP A 383 30.43 -15.42 -9.02
C ASP A 383 29.84 -15.77 -7.65
N TYR A 384 28.99 -14.89 -7.11
CA TYR A 384 28.29 -15.12 -5.86
C TYR A 384 27.39 -16.40 -5.97
N GLN A 385 26.76 -16.65 -7.16
CA GLN A 385 25.94 -17.85 -7.40
C GLN A 385 26.75 -19.15 -7.32
N LEU A 386 28.03 -19.10 -7.73
CA LEU A 386 28.94 -20.25 -7.67
C LEU A 386 29.31 -20.55 -6.20
N TYR A 387 29.39 -19.49 -5.37
CA TYR A 387 29.70 -19.57 -3.94
C TYR A 387 28.56 -20.19 -3.16
N PHE A 388 27.32 -19.96 -3.64
CA PHE A 388 26.07 -20.45 -3.05
C PHE A 388 25.88 -21.89 -3.37
N GLN A 389 26.73 -22.47 -4.23
CA GLN A 389 26.57 -23.87 -4.65
C GLN A 389 26.84 -24.92 -3.57
N GLU A 390 28.05 -24.91 -2.94
CA GLU A 390 28.41 -25.89 -1.90
C GLU A 390 27.50 -25.81 -0.71
N PRO A 391 26.77 -26.91 -0.44
CA PRO A 391 25.84 -26.90 0.69
C PRO A 391 26.50 -26.65 2.04
N GLY A 392 25.97 -25.68 2.77
CA GLY A 392 26.45 -25.33 4.09
C GLY A 392 27.35 -24.11 4.14
N VAL A 393 28.12 -23.89 3.07
CA VAL A 393 29.11 -22.81 2.93
C VAL A 393 28.53 -21.41 3.19
N ALA A 394 27.62 -20.92 2.30
CA ALA A 394 27.01 -19.59 2.47
C ALA A 394 26.06 -19.55 3.66
N GLU A 395 25.35 -20.68 4.02
CA GLU A 395 24.47 -20.74 5.21
C GLU A 395 25.26 -20.26 6.43
N ALA A 396 26.42 -20.90 6.70
CA ALA A 396 27.29 -20.59 7.82
C ALA A 396 27.65 -19.10 7.89
N GLU A 397 27.98 -18.49 6.75
CA GLU A 397 28.27 -17.08 6.67
C GLU A 397 27.03 -16.22 6.85
N LEU A 398 25.89 -16.56 6.20
CA LEU A 398 24.68 -15.74 6.28
C LEU A 398 23.91 -15.92 7.59
N GLU A 399 23.92 -17.14 8.18
CA GLU A 399 23.25 -17.48 9.46
C GLU A 399 24.10 -17.13 10.69
N GLN A 400 25.30 -16.55 10.49
CA GLN A 400 26.23 -16.16 11.55
C GLN A 400 25.76 -14.98 12.42
N ASN A 401 25.35 -13.89 11.80
CA ASN A 401 24.90 -12.70 12.52
C ASN A 401 23.88 -12.09 11.59
N LEU A 402 22.61 -12.44 11.82
CA LEU A 402 21.49 -12.01 10.98
C LEU A 402 21.39 -10.52 10.78
N SER A 403 21.52 -9.72 11.86
CA SER A 403 21.48 -8.26 11.80
C SER A 403 22.52 -7.82 10.79
N ARG A 404 23.79 -8.20 10.99
CA ARG A 404 24.91 -7.85 10.13
C ARG A 404 24.62 -8.21 8.68
N THR A 405 24.09 -9.45 8.42
CA THR A 405 23.72 -9.94 7.09
C THR A 405 22.78 -8.98 6.38
N PHE A 406 21.63 -8.63 7.00
CA PHE A 406 20.63 -7.75 6.38
C PHE A 406 21.08 -6.30 6.32
N LYS A 407 21.88 -5.85 7.29
CA LYS A 407 22.40 -4.49 7.26
C LYS A 407 23.44 -4.35 6.13
N SER A 408 24.26 -5.41 5.92
CA SER A 408 25.28 -5.45 4.88
C SER A 408 24.67 -5.59 3.48
N LEU A 409 23.56 -6.32 3.36
CA LEU A 409 22.87 -6.51 2.08
C LEU A 409 21.92 -5.36 1.65
N PHE A 410 20.92 -5.01 2.52
CA PHE A 410 19.90 -3.97 2.27
C PHE A 410 20.47 -2.57 2.35
N ARG A 411 21.12 -2.18 1.25
CA ARG A 411 21.79 -0.89 1.08
C ARG A 411 21.53 -0.33 -0.31
N ALA A 412 21.47 1.01 -0.43
CA ALA A 412 21.30 1.68 -1.73
C ALA A 412 22.64 1.67 -2.50
N SER A 413 22.56 1.76 -3.85
CA SER A 413 23.67 1.72 -4.83
C SER A 413 25.00 2.31 -4.35
N ASP A 414 24.99 3.59 -3.91
CA ASP A 414 26.17 4.30 -3.42
C ASP A 414 26.75 3.68 -2.14
N GLU A 415 25.91 3.43 -1.12
CA GLU A 415 26.20 2.85 0.20
C GLU A 415 26.80 1.44 0.22
N SER A 416 26.74 0.72 -0.92
CA SER A 416 27.22 -0.65 -1.12
C SER A 416 28.58 -0.92 -0.49
N VAL A 417 28.62 -1.91 0.41
CA VAL A 417 29.81 -2.35 1.17
C VAL A 417 30.29 -3.74 0.69
N LEU A 418 29.57 -4.29 -0.29
CA LEU A 418 29.82 -5.59 -0.87
C LEU A 418 30.79 -5.52 -2.04
N SER A 419 31.52 -6.62 -2.28
CA SER A 419 32.46 -6.69 -3.40
C SER A 419 31.76 -7.19 -4.68
N MET A 420 31.69 -8.52 -4.88
CA MET A 420 31.09 -9.21 -6.05
C MET A 420 31.94 -9.22 -7.31
N HIS A 421 33.14 -9.73 -7.10
CA HIS A 421 34.20 -9.99 -8.06
C HIS A 421 35.09 -10.91 -7.27
N LYS A 422 35.02 -12.20 -7.62
CA LYS A 422 35.73 -13.33 -7.01
C LYS A 422 35.33 -13.50 -5.52
N VAL A 423 34.00 -13.68 -5.29
CA VAL A 423 33.34 -13.93 -4.01
C VAL A 423 33.85 -15.30 -3.50
N CYS A 424 34.00 -16.25 -4.43
CA CYS A 424 34.53 -17.57 -4.18
C CYS A 424 35.96 -17.49 -3.64
N GLU A 425 36.87 -16.77 -4.35
CA GLU A 425 38.29 -16.57 -4.00
C GLU A 425 38.46 -15.91 -2.65
N ALA A 426 37.79 -14.76 -2.45
CA ALA A 426 37.82 -13.98 -1.21
C ALA A 426 37.30 -14.74 0.01
N GLY A 427 36.51 -15.80 -0.23
CA GLY A 427 36.00 -16.68 0.82
C GLY A 427 34.64 -16.34 1.41
N GLY A 428 33.91 -15.42 0.78
CA GLY A 428 32.58 -15.05 1.22
C GLY A 428 32.09 -13.71 0.72
N LEU A 429 30.81 -13.42 0.99
CA LEU A 429 30.15 -12.17 0.61
C LEU A 429 30.52 -10.99 1.51
N PHE A 430 30.70 -11.23 2.82
CA PHE A 430 30.95 -10.19 3.83
C PHE A 430 32.40 -10.06 4.31
N VAL A 431 33.32 -10.80 3.68
CA VAL A 431 34.77 -10.83 3.99
C VAL A 431 35.40 -9.46 4.26
N ASN A 432 35.04 -8.45 3.45
CA ASN A 432 35.59 -7.10 3.58
C ASN A 432 34.54 -6.08 4.02
N SER A 433 33.37 -6.60 4.47
CA SER A 433 32.26 -5.81 5.00
C SER A 433 32.50 -5.66 6.51
N PRO A 434 32.10 -4.53 7.16
CA PRO A 434 32.34 -4.41 8.60
C PRO A 434 31.51 -5.39 9.46
N GLU A 435 31.92 -5.56 10.75
CA GLU A 435 31.20 -6.44 11.67
C GLU A 435 29.95 -5.69 12.12
N GLU A 436 30.09 -4.37 12.27
CA GLU A 436 28.98 -3.51 12.63
C GLU A 436 28.73 -2.50 11.51
N PRO A 437 27.99 -2.89 10.44
CA PRO A 437 27.73 -1.92 9.36
C PRO A 437 26.77 -0.82 9.80
N SER A 438 26.89 0.35 9.19
CA SER A 438 26.02 1.48 9.44
C SER A 438 24.60 1.17 8.93
N LEU A 439 23.59 1.94 9.39
CA LEU A 439 22.23 1.69 8.92
C LEU A 439 22.02 2.42 7.59
N SER A 440 21.43 1.71 6.62
CA SER A 440 21.10 2.27 5.31
C SER A 440 19.96 3.28 5.45
N ARG A 441 19.89 4.25 4.53
CA ARG A 441 18.81 5.23 4.48
C ARG A 441 17.50 4.57 3.93
N MET A 442 17.61 3.40 3.29
CA MET A 442 16.46 2.66 2.73
C MET A 442 15.59 1.96 3.80
N VAL A 443 16.23 1.53 4.91
CA VAL A 443 15.61 0.74 5.97
C VAL A 443 15.76 1.34 7.36
N THR A 444 14.85 0.99 8.29
CA THR A 444 14.96 1.39 9.70
C THR A 444 15.64 0.26 10.48
N GLU A 445 15.85 0.45 11.78
CA GLU A 445 16.43 -0.57 12.65
C GLU A 445 15.38 -1.65 12.82
N GLU A 446 14.11 -1.23 13.02
CA GLU A 446 12.94 -2.09 13.20
C GLU A 446 12.69 -2.94 11.96
N GLU A 447 12.79 -2.33 10.76
CA GLU A 447 12.64 -3.11 9.51
C GLU A 447 13.73 -4.18 9.44
N ILE A 448 15.01 -3.85 9.78
CA ILE A 448 16.10 -4.84 9.81
C ILE A 448 15.73 -5.94 10.80
N GLN A 449 15.31 -5.54 12.02
CA GLN A 449 14.92 -6.47 13.11
C GLN A 449 13.76 -7.43 12.77
N PHE A 450 12.93 -7.08 11.78
CA PHE A 450 11.85 -7.95 11.33
C PHE A 450 12.41 -9.10 10.51
N TYR A 451 13.35 -8.81 9.59
CA TYR A 451 13.95 -9.84 8.73
C TYR A 451 14.75 -10.89 9.55
N VAL A 452 15.38 -10.41 10.67
CA VAL A 452 16.15 -11.19 11.63
C VAL A 452 15.26 -12.26 12.29
N GLN A 453 14.10 -11.83 12.83
CA GLN A 453 13.12 -12.70 13.48
C GLN A 453 12.64 -13.78 12.53
N GLN A 454 12.36 -13.40 11.27
CA GLN A 454 11.85 -14.26 10.21
C GLN A 454 12.83 -15.35 9.82
N PHE A 455 14.13 -14.97 9.69
CA PHE A 455 15.23 -15.85 9.28
C PHE A 455 15.77 -16.78 10.39
N LYS A 456 15.29 -16.58 11.61
CA LYS A 456 15.61 -17.36 12.78
C LYS A 456 14.90 -18.71 12.75
N LYS A 457 13.73 -18.79 12.09
CA LYS A 457 12.94 -20.04 12.00
C LYS A 457 13.58 -21.08 11.09
N SER A 458 13.88 -20.71 9.84
CA SER A 458 14.34 -21.74 8.92
C SER A 458 15.77 -21.64 8.47
N GLY A 459 16.28 -20.42 8.41
CA GLY A 459 17.64 -20.17 7.99
C GLY A 459 17.79 -19.83 6.53
N PHE A 460 18.97 -20.17 5.95
CA PHE A 460 19.29 -19.91 4.56
C PHE A 460 19.39 -21.17 3.68
N ARG A 461 19.21 -22.39 4.24
CA ARG A 461 19.27 -23.61 3.42
C ARG A 461 18.24 -23.55 2.26
N GLY A 462 16.95 -23.41 2.59
CA GLY A 462 15.83 -23.29 1.66
C GLY A 462 16.04 -22.10 0.74
N PRO A 463 16.16 -20.85 1.27
CA PRO A 463 16.53 -19.71 0.42
C PRO A 463 17.66 -19.96 -0.59
N LEU A 464 18.83 -20.50 -0.14
CA LEU A 464 19.97 -20.80 -1.00
C LEU A 464 19.71 -21.97 -1.94
N ASN A 465 18.81 -22.88 -1.58
CA ASN A 465 18.46 -24.04 -2.42
C ASN A 465 17.74 -23.69 -3.73
N TRP A 466 17.23 -22.44 -3.85
CA TRP A 466 16.61 -21.92 -5.09
C TRP A 466 17.69 -21.82 -6.19
N TYR A 467 18.97 -21.58 -5.79
CA TYR A 467 20.17 -21.42 -6.64
C TYR A 467 20.87 -22.72 -6.95
N ARG A 468 20.49 -23.77 -6.22
CA ARG A 468 21.12 -25.08 -6.29
C ARG A 468 20.39 -26.03 -7.21
N ASN A 469 19.52 -25.49 -8.10
CA ASN A 469 18.77 -26.32 -9.07
C ASN A 469 18.99 -25.93 -10.54
N MET A 470 20.08 -25.16 -10.82
CA MET A 470 20.44 -24.68 -12.17
CA MET A 470 20.42 -24.70 -12.18
C MET A 470 20.36 -25.77 -13.27
N GLU A 471 20.86 -26.99 -12.99
CA GLU A 471 20.80 -28.11 -13.95
C GLU A 471 19.35 -28.59 -14.13
N ARG A 472 18.60 -28.75 -13.02
CA ARG A 472 17.20 -29.19 -13.05
C ARG A 472 16.32 -28.19 -13.80
N ASN A 473 16.49 -26.89 -13.48
CA ASN A 473 15.78 -25.76 -14.09
C ASN A 473 15.96 -25.71 -15.61
N TRP A 474 17.18 -25.95 -16.09
CA TRP A 474 17.62 -25.95 -17.50
C TRP A 474 16.93 -27.06 -18.35
N LYS A 475 16.88 -28.31 -17.83
CA LYS A 475 16.25 -29.47 -18.50
C LYS A 475 14.76 -29.25 -18.70
N TRP A 476 14.12 -28.62 -17.72
CA TRP A 476 12.70 -28.38 -17.74
C TRP A 476 12.38 -27.25 -18.69
N ALA A 477 13.16 -26.14 -18.61
CA ALA A 477 13.03 -24.97 -19.47
C ALA A 477 13.21 -25.29 -20.96
N CYS A 478 14.10 -26.23 -21.31
CA CYS A 478 14.34 -26.67 -22.70
C CYS A 478 13.08 -27.24 -23.40
N LYS A 479 12.09 -27.73 -22.61
CA LYS A 479 10.79 -28.23 -23.07
C LYS A 479 9.90 -27.08 -23.60
N SER A 480 10.19 -25.84 -23.14
CA SER A 480 9.50 -24.60 -23.50
C SER A 480 10.25 -23.75 -24.57
N LEU A 481 11.19 -24.36 -25.29
CA LEU A 481 12.04 -23.60 -26.21
C LEU A 481 11.35 -23.04 -27.49
N GLY A 482 10.33 -23.77 -27.97
CA GLY A 482 9.52 -23.39 -29.11
C GLY A 482 8.32 -22.52 -28.77
N ARG A 483 8.14 -22.15 -27.50
CA ARG A 483 7.02 -21.35 -27.02
C ARG A 483 7.35 -19.88 -27.01
N LYS A 484 6.32 -19.06 -26.91
CA LYS A 484 6.45 -17.61 -26.76
C LYS A 484 5.50 -17.21 -25.64
N ILE A 485 5.84 -16.14 -24.91
CA ILE A 485 4.98 -15.59 -23.85
C ILE A 485 4.05 -14.63 -24.59
N LEU A 486 2.79 -15.05 -24.77
CA LEU A 486 1.77 -14.27 -25.49
C LEU A 486 0.64 -13.78 -24.55
N ILE A 487 0.95 -13.54 -23.26
CA ILE A 487 0.01 -13.02 -22.26
C ILE A 487 0.53 -11.61 -21.85
N PRO A 488 -0.26 -10.70 -21.22
CA PRO A 488 0.31 -9.38 -20.88
C PRO A 488 1.56 -9.50 -20.02
N ALA A 489 2.59 -8.72 -20.35
CA ALA A 489 3.86 -8.79 -19.63
C ALA A 489 4.54 -7.44 -19.45
N LEU A 490 5.05 -7.18 -18.23
CA LEU A 490 5.78 -5.95 -17.89
C LEU A 490 7.15 -6.28 -17.30
N MET A 491 8.21 -5.78 -17.95
CA MET A 491 9.59 -5.95 -17.50
C MET A 491 10.03 -4.64 -16.90
N VAL A 492 10.53 -4.65 -15.64
CA VAL A 492 11.02 -3.43 -15.01
C VAL A 492 12.53 -3.53 -14.73
N THR A 493 13.33 -2.67 -15.40
CA THR A 493 14.76 -2.68 -15.17
C THR A 493 15.13 -1.61 -14.17
N ALA A 494 16.22 -1.88 -13.42
CA ALA A 494 16.78 -1.02 -12.40
C ALA A 494 18.21 -0.64 -12.83
N GLU A 495 18.44 0.69 -13.02
CA GLU A 495 19.67 1.32 -13.52
C GLU A 495 20.97 0.89 -12.83
N LYS A 496 20.97 0.84 -11.49
CA LYS A 496 22.17 0.53 -10.71
C LYS A 496 22.20 -0.89 -10.10
N ASP A 497 21.46 -1.83 -10.71
CA ASP A 497 21.49 -3.23 -10.29
C ASP A 497 22.68 -3.83 -11.04
N PHE A 498 23.73 -4.15 -10.30
CA PHE A 498 25.02 -4.63 -10.79
C PHE A 498 25.06 -6.07 -11.22
N VAL A 499 24.04 -6.85 -10.84
CA VAL A 499 23.90 -8.26 -11.23
C VAL A 499 22.83 -8.36 -12.33
N LEU A 500 21.58 -7.98 -12.03
CA LEU A 500 20.43 -8.00 -12.93
C LEU A 500 20.42 -6.67 -13.67
N VAL A 501 21.40 -6.51 -14.58
CA VAL A 501 21.66 -5.29 -15.34
C VAL A 501 20.57 -5.02 -16.39
N PRO A 502 20.18 -3.73 -16.61
CA PRO A 502 19.14 -3.44 -17.62
C PRO A 502 19.41 -4.06 -18.99
N GLN A 503 20.67 -4.01 -19.47
CA GLN A 503 21.07 -4.60 -20.76
C GLN A 503 20.80 -6.10 -20.89
N MET A 504 20.76 -6.86 -19.78
CA MET A 504 20.49 -8.32 -19.79
C MET A 504 19.09 -8.66 -20.34
N SER A 505 18.15 -7.68 -20.37
CA SER A 505 16.75 -7.79 -20.82
C SER A 505 16.54 -7.39 -22.27
N GLN A 506 17.55 -6.71 -22.89
CA GLN A 506 17.55 -6.15 -24.26
C GLN A 506 16.88 -6.97 -25.38
N HIS A 507 17.08 -8.32 -25.38
CA HIS A 507 16.60 -9.28 -26.37
C HIS A 507 15.21 -9.90 -26.11
N MET A 508 14.64 -9.71 -24.91
CA MET A 508 13.36 -10.29 -24.48
C MET A 508 12.18 -10.26 -25.46
N GLU A 509 12.16 -9.30 -26.41
CA GLU A 509 11.12 -9.13 -27.42
C GLU A 509 11.01 -10.31 -28.38
N ASP A 510 12.11 -11.04 -28.58
CA ASP A 510 12.13 -12.20 -29.46
C ASP A 510 11.20 -13.28 -28.86
N TRP A 511 10.99 -13.22 -27.52
CA TRP A 511 10.24 -14.17 -26.72
C TRP A 511 8.91 -13.68 -26.20
N ILE A 512 8.78 -12.37 -26.03
CA ILE A 512 7.57 -11.68 -25.55
C ILE A 512 7.39 -10.44 -26.47
N PRO A 513 6.73 -10.59 -27.65
CA PRO A 513 6.64 -9.46 -28.60
C PRO A 513 5.88 -8.22 -28.14
N HIS A 514 4.76 -8.42 -27.42
CA HIS A 514 3.85 -7.38 -26.92
C HIS A 514 4.23 -6.85 -25.53
N LEU A 515 5.44 -7.18 -25.07
CA LEU A 515 5.97 -6.79 -23.75
C LEU A 515 6.05 -5.29 -23.50
N LYS A 516 5.51 -4.85 -22.33
CA LYS A 516 5.58 -3.46 -21.88
C LYS A 516 6.82 -3.33 -21.01
N ARG A 517 7.38 -2.12 -20.93
CA ARG A 517 8.57 -1.92 -20.13
C ARG A 517 8.41 -0.81 -19.16
N GLY A 518 9.28 -0.85 -18.14
CA GLY A 518 9.46 0.15 -17.10
C GLY A 518 10.94 0.30 -16.83
N HIS A 519 11.35 1.41 -16.23
CA HIS A 519 12.76 1.64 -15.96
C HIS A 519 12.88 2.63 -14.85
N ILE A 520 13.66 2.31 -13.78
CA ILE A 520 13.90 3.24 -12.66
C ILE A 520 15.39 3.61 -12.61
N GLU A 521 15.65 4.90 -12.67
CA GLU A 521 17.00 5.48 -12.60
C GLU A 521 17.50 5.58 -11.14
N ASP A 522 18.85 5.54 -10.97
CA ASP A 522 19.54 5.55 -9.66
C ASP A 522 18.91 4.54 -8.69
N CYS A 523 18.47 3.38 -9.26
CA CYS A 523 17.82 2.31 -8.50
C CYS A 523 18.68 1.05 -8.53
N GLY A 524 19.00 0.55 -7.34
CA GLY A 524 19.76 -0.67 -7.16
C GLY A 524 18.86 -1.88 -7.12
N HIS A 525 19.41 -3.04 -6.69
CA HIS A 525 18.76 -4.35 -6.59
C HIS A 525 17.49 -4.42 -5.72
N TRP A 526 17.39 -3.56 -4.68
CA TRP A 526 16.27 -3.59 -3.72
C TRP A 526 15.18 -2.61 -4.14
N THR A 527 14.77 -2.76 -5.42
CA THR A 527 13.81 -1.96 -6.16
C THR A 527 12.70 -1.39 -5.32
N GLN A 528 11.95 -2.31 -4.67
CA GLN A 528 10.76 -2.05 -3.88
C GLN A 528 10.92 -1.02 -2.78
N MET A 529 12.05 -1.02 -2.05
CA MET A 529 12.35 -0.06 -0.95
C MET A 529 13.26 1.10 -1.38
N ASP A 530 13.96 0.95 -2.52
CA ASP A 530 14.89 1.96 -3.04
C ASP A 530 14.11 3.11 -3.54
N LYS A 531 13.16 2.79 -4.44
CA LYS A 531 12.26 3.73 -5.09
C LYS A 531 10.84 3.15 -5.10
N PRO A 532 10.19 3.11 -3.90
CA PRO A 532 8.82 2.58 -3.81
C PRO A 532 7.78 3.32 -4.64
N THR A 533 7.80 4.66 -4.58
CA THR A 533 6.88 5.56 -5.30
C THR A 533 6.82 5.29 -6.80
N GLU A 534 8.01 5.14 -7.40
CA GLU A 534 8.17 4.89 -8.83
C GLU A 534 7.68 3.49 -9.13
N VAL A 535 8.02 2.51 -8.27
CA VAL A 535 7.53 1.12 -8.41
C VAL A 535 5.99 1.16 -8.43
N ASN A 536 5.39 1.85 -7.47
CA ASN A 536 3.94 2.01 -7.37
C ASN A 536 3.30 2.65 -8.62
N GLN A 537 3.85 3.80 -9.07
CA GLN A 537 3.35 4.50 -10.25
C GLN A 537 3.39 3.62 -11.51
N ILE A 538 4.51 2.93 -11.74
CA ILE A 538 4.71 1.99 -12.86
C ILE A 538 3.73 0.81 -12.81
N LEU A 539 3.69 0.09 -11.67
CA LEU A 539 2.84 -1.09 -11.47
C LEU A 539 1.35 -0.79 -11.59
N ILE A 540 0.85 0.25 -10.87
CA ILE A 540 -0.58 0.65 -10.93
C ILE A 540 -1.00 0.98 -12.38
N LYS A 541 -0.16 1.75 -13.11
CA LYS A 541 -0.37 2.14 -14.50
C LYS A 541 -0.54 0.95 -15.45
N TRP A 542 0.36 -0.06 -15.34
CA TRP A 542 0.39 -1.29 -16.14
C TRP A 542 -0.77 -2.18 -15.75
N LEU A 543 -1.10 -2.26 -14.45
CA LEU A 543 -2.25 -3.03 -13.95
C LEU A 543 -3.57 -2.49 -14.46
N ASP A 544 -3.77 -1.16 -14.43
CA ASP A 544 -5.03 -0.58 -14.89
C ASP A 544 -5.23 -0.74 -16.41
N SER A 545 -4.15 -0.56 -17.18
CA SER A 545 -4.14 -0.68 -18.65
C SER A 545 -4.17 -2.12 -19.17
N ASP A 546 -3.39 -3.03 -18.55
CA ASP A 546 -3.24 -4.44 -18.96
C ASP A 546 -3.94 -5.55 -18.11
N ALA A 547 -4.37 -5.24 -16.86
CA ALA A 547 -5.06 -6.23 -16.00
C ALA A 547 -6.25 -5.64 -15.18
N ARG A 548 -7.21 -4.99 -15.90
CA ARG A 548 -8.45 -4.30 -15.44
C ARG A 548 -8.58 -3.86 -13.97
N ASN A 549 -8.89 -4.69 -13.10
S SO4 B . 17.95 -14.87 -10.53
O1 SO4 B . 18.46 -14.41 -9.23
O2 SO4 B . 18.37 -13.92 -11.57
O3 SO4 B . 18.50 -16.20 -10.85
O4 SO4 B . 16.48 -14.94 -10.50
S DMS C . 13.33 4.57 6.09
O DMS C . 13.57 4.29 4.69
C1 DMS C . 11.54 4.64 6.41
C2 DMS C . 13.70 6.30 6.54
S DMS D . -9.20 4.03 13.03
O DMS D . -8.18 3.98 14.06
C1 DMS D . -10.87 3.93 13.74
C2 DMS D . -9.16 2.54 12.06
S SO4 E . -18.45 31.90 23.59
O1 SO4 E . -19.92 31.79 23.54
O2 SO4 E . -18.08 32.80 24.70
O3 SO4 E . -17.88 30.59 23.83
O4 SO4 E . -17.93 32.43 22.31
S DMS F . -9.94 30.72 15.84
O DMS F . -10.21 29.80 14.78
C1 DMS F . -11.31 31.93 16.01
C2 DMS F . -8.45 31.75 15.62
C1 KWB G . 22.97 -8.17 -6.09
C2 KWB G . 23.14 -7.11 -6.95
C3 KWB G . 23.29 -5.85 -6.44
C4 KWB G . 23.26 -5.62 -5.08
C5 KWB G . 23.07 -6.69 -4.23
C6 KWB G . 22.94 -7.98 -4.72
C7 KWB G . 22.73 -9.12 -3.76
C8 KWB G . 21.38 -9.78 -3.99
C9 KWB G . 21.46 -11.29 -4.17
C10 KWB G . 22.30 -11.95 -3.08
C11 KWB G . 23.68 -11.35 -2.94
C12 KWB G . 23.90 -10.10 -3.79
C13 KWB G . 23.41 -4.25 -4.55
O14 KWB G . 22.73 -3.35 -5.13
O15 KWB G . 24.23 -4.07 -3.60
O16 KWB G . 23.46 -4.82 -7.33
#